data_6WJB
#
_entry.id   6WJB
#
_cell.length_a   123.040
_cell.length_b   75.455
_cell.length_c   79.156
_cell.angle_alpha   90.000
_cell.angle_beta   90.000
_cell.angle_gamma   90.000
#
_symmetry.space_group_name_H-M   'P 21 21 2'
#
loop_
_entity.id
_entity.type
_entity.pdbx_description
1 polymer 'NAD-dependent epimerase/dehydratase family protein'
2 non-polymer NICOTINAMIDE-ADENINE-DINUCLEOTIDE
3 non-polymer URIDINE-DIPHOSPHATE-N-ACETYLGLUCOSAMINE
4 water water
#
_entity_poly.entity_id   1
_entity_poly.type   'polypeptide(L)'
_entity_poly.pdbx_seq_one_letter_code
;MSAERILVTGGAGFIGSHLVDALLAKGYAVRVLDDLSTGKVGNLPMGDAGLELLVGDAADAALLADAVQGCDAVVHLAAV
ASVQASVEDPVATHQSNFIATLRLCEAMTAAGIRRVVFASSAAVYGNNGEGTPIAEDTPKSPLTPYAADKLASEYYLDFY
RRQHGLEPVILRFFNIFGPRQDPSSPYSGVISIFSERAKAGRPITLFGDGGQTRDFVYVADLVKILVQGLESPAPAADAT
NVGLGGVTTLNDLIGALQQISGKPLQVSHGATRSGDIRHSKADNRRLRERFDLGTPSSLAEGLERLYRSL
;
_entity_poly.pdbx_strand_id   A,B
#
# COMPACT_ATOMS: atom_id res chain seq x y z
N GLU A 4 20.36 3.80 -28.04
CA GLU A 4 19.34 4.04 -27.01
C GLU A 4 19.03 2.78 -26.19
N ARG A 5 19.05 2.90 -24.86
CA ARG A 5 19.15 1.74 -23.98
C ARG A 5 18.02 1.68 -22.97
N ILE A 6 17.50 0.46 -22.77
CA ILE A 6 16.37 0.18 -21.89
C ILE A 6 16.85 -0.69 -20.74
N LEU A 7 16.57 -0.26 -19.51
CA LEU A 7 16.73 -1.10 -18.34
C LEU A 7 15.49 -1.98 -18.16
N VAL A 8 15.70 -3.29 -18.02
CA VAL A 8 14.60 -4.22 -17.73
C VAL A 8 14.95 -4.94 -16.43
N THR A 9 14.36 -4.50 -15.32
CA THR A 9 14.48 -5.28 -14.09
C THR A 9 13.65 -6.54 -14.24
N GLY A 10 14.16 -7.65 -13.69
CA GLY A 10 13.50 -8.92 -13.91
C GLY A 10 13.55 -9.40 -15.35
N GLY A 11 14.49 -8.89 -16.16
CA GLY A 11 14.56 -9.26 -17.57
C GLY A 11 14.95 -10.70 -17.84
N ALA A 12 15.45 -11.44 -16.85
CA ALA A 12 15.81 -12.84 -17.06
C ALA A 12 14.62 -13.79 -16.86
N GLY A 13 13.46 -13.28 -16.46
CA GLY A 13 12.32 -14.11 -16.18
C GLY A 13 11.47 -14.38 -17.41
N PHE A 14 10.28 -14.94 -17.14
CA PHE A 14 9.34 -15.34 -18.18
C PHE A 14 8.97 -14.17 -19.09
N ILE A 15 8.26 -13.19 -18.56
CA ILE A 15 7.85 -12.05 -19.38
C ILE A 15 9.06 -11.22 -19.79
N GLY A 16 9.98 -10.97 -18.85
CA GLY A 16 11.11 -10.11 -19.15
C GLY A 16 11.96 -10.59 -20.30
N SER A 17 12.23 -11.89 -20.37
CA SER A 17 13.15 -12.35 -21.40
C SER A 17 12.52 -12.24 -22.78
N HIS A 18 11.20 -12.42 -22.88
CA HIS A 18 10.53 -12.18 -24.15
C HIS A 18 10.61 -10.72 -24.54
N LEU A 19 10.40 -9.82 -23.58
CA LEU A 19 10.58 -8.39 -23.83
C LEU A 19 12.00 -8.09 -24.30
N VAL A 20 12.99 -8.66 -23.62
CA VAL A 20 14.38 -8.41 -24.00
C VAL A 20 14.61 -8.81 -25.45
N ASP A 21 14.11 -9.97 -25.86
CA ASP A 21 14.18 -10.37 -27.27
C ASP A 21 13.57 -9.30 -28.18
N ALA A 22 12.36 -8.83 -27.85
CA ALA A 22 11.69 -7.87 -28.73
C ALA A 22 12.46 -6.57 -28.83
N LEU A 23 12.96 -6.06 -27.69
CA LEU A 23 13.67 -4.79 -27.68
C LEU A 23 14.99 -4.87 -28.45
N LEU A 24 15.73 -5.96 -28.28
CA LEU A 24 16.96 -6.13 -29.07
C LEU A 24 16.63 -6.24 -30.55
N ALA A 25 15.57 -6.98 -30.89
CA ALA A 25 15.16 -7.10 -32.29
C ALA A 25 14.83 -5.75 -32.90
N LYS A 26 14.36 -4.80 -32.10
CA LYS A 26 14.01 -3.47 -32.58
C LYS A 26 15.19 -2.51 -32.58
N GLY A 27 16.38 -2.96 -32.19
CA GLY A 27 17.56 -2.11 -32.24
C GLY A 27 17.92 -1.40 -30.95
N TYR A 28 17.16 -1.58 -29.88
CA TYR A 28 17.57 -1.04 -28.59
C TYR A 28 18.76 -1.80 -28.03
N ALA A 29 19.59 -1.09 -27.26
CA ALA A 29 20.44 -1.74 -26.29
C ALA A 29 19.61 -2.03 -25.04
N VAL A 30 19.88 -3.18 -24.42
CA VAL A 30 19.05 -3.67 -23.33
C VAL A 30 19.95 -4.06 -22.17
N ARG A 31 19.71 -3.45 -21.00
CA ARG A 31 20.40 -3.80 -19.77
C ARG A 31 19.43 -4.55 -18.87
N VAL A 32 19.81 -5.75 -18.44
CA VAL A 32 18.97 -6.56 -17.59
C VAL A 32 19.50 -6.49 -16.17
N LEU A 33 18.61 -6.25 -15.21
CA LEU A 33 18.92 -6.37 -13.79
C LEU A 33 18.05 -7.48 -13.22
N ASP A 34 18.68 -8.53 -12.73
CA ASP A 34 17.94 -9.71 -12.28
C ASP A 34 18.76 -10.43 -11.23
N ASP A 35 18.11 -10.88 -10.15
CA ASP A 35 18.84 -11.63 -9.13
C ASP A 35 18.87 -13.11 -9.41
N LEU A 36 18.28 -13.56 -10.52
CA LEU A 36 18.26 -14.97 -10.91
C LEU A 36 17.63 -15.85 -9.84
N SER A 37 16.71 -15.27 -9.06
CA SER A 37 15.95 -16.09 -8.11
C SER A 37 15.01 -17.03 -8.84
N THR A 38 14.26 -16.51 -9.81
CA THR A 38 13.51 -17.34 -10.74
C THR A 38 13.88 -17.12 -12.20
N GLY A 39 14.49 -16.00 -12.55
CA GLY A 39 15.00 -15.83 -13.90
C GLY A 39 16.14 -16.79 -14.20
N LYS A 40 16.37 -17.02 -15.49
CA LYS A 40 17.40 -17.93 -15.95
C LYS A 40 18.21 -17.26 -17.06
N VAL A 41 19.54 -17.35 -16.96
CA VAL A 41 20.40 -16.83 -18.02
C VAL A 41 20.09 -17.52 -19.35
N GLY A 42 19.64 -18.77 -19.29
CA GLY A 42 19.22 -19.48 -20.49
C GLY A 42 17.97 -18.90 -21.15
N ASN A 43 17.22 -18.04 -20.45
CA ASN A 43 16.12 -17.35 -21.09
C ASN A 43 16.59 -16.22 -22.00
N LEU A 44 17.86 -15.75 -21.85
CA LEU A 44 18.35 -14.55 -22.48
C LEU A 44 19.25 -14.86 -23.68
N PRO A 45 19.30 -13.97 -24.67
CA PRO A 45 20.21 -14.18 -25.81
C PRO A 45 21.61 -13.69 -25.49
N MET A 46 22.29 -14.42 -24.60
CA MET A 46 23.68 -14.14 -24.29
C MET A 46 24.51 -14.26 -25.56
N GLY A 47 25.50 -13.38 -25.70
CA GLY A 47 26.21 -13.26 -26.95
C GLY A 47 25.66 -12.22 -27.88
N ASP A 48 24.49 -11.67 -27.59
CA ASP A 48 24.00 -10.51 -28.34
C ASP A 48 24.77 -9.27 -27.88
N ALA A 49 25.39 -8.57 -28.83
CA ALA A 49 26.22 -7.42 -28.50
C ALA A 49 25.45 -6.30 -27.82
N GLY A 50 24.14 -6.24 -27.98
CA GLY A 50 23.36 -5.19 -27.36
C GLY A 50 22.82 -5.50 -25.99
N LEU A 51 23.11 -6.69 -25.47
CA LEU A 51 22.57 -7.14 -24.19
C LEU A 51 23.65 -7.01 -23.12
N GLU A 52 23.29 -6.39 -22.00
CA GLU A 52 24.19 -6.30 -20.86
C GLU A 52 23.44 -6.81 -19.63
N LEU A 53 24.03 -7.76 -18.92
CA LEU A 53 23.37 -8.39 -17.79
C LEU A 53 24.04 -7.95 -16.49
N LEU A 54 23.24 -7.40 -15.58
CA LEU A 54 23.65 -7.15 -14.20
C LEU A 54 22.90 -8.11 -13.28
N VAL A 55 23.63 -8.77 -12.39
CA VAL A 55 23.03 -9.71 -11.44
C VAL A 55 23.09 -9.09 -10.06
N GLY A 56 21.92 -8.86 -9.47
CA GLY A 56 21.84 -8.33 -8.13
C GLY A 56 20.41 -8.04 -7.76
N ASP A 57 20.26 -7.48 -6.56
CA ASP A 57 18.95 -7.22 -5.97
C ASP A 57 18.44 -5.87 -6.47
N ALA A 58 17.26 -5.88 -7.10
CA ALA A 58 16.66 -4.64 -7.58
C ALA A 58 16.31 -3.68 -6.44
N ALA A 59 16.37 -4.12 -5.18
CA ALA A 59 16.21 -3.23 -4.04
C ALA A 59 17.52 -2.61 -3.59
N ASP A 60 18.63 -2.93 -4.25
CA ASP A 60 19.95 -2.44 -3.85
C ASP A 60 20.16 -1.04 -4.41
N ALA A 61 20.18 -0.05 -3.51
CA ALA A 61 20.29 1.35 -3.94
C ALA A 61 21.55 1.59 -4.76
N ALA A 62 22.70 1.14 -4.26
CA ALA A 62 23.95 1.37 -4.98
C ALA A 62 23.91 0.71 -6.35
N LEU A 63 23.33 -0.49 -6.43
CA LEU A 63 23.28 -1.21 -7.71
C LEU A 63 22.32 -0.53 -8.69
N LEU A 64 21.17 -0.05 -8.20
CA LEU A 64 20.24 0.64 -9.09
C LEU A 64 20.86 1.90 -9.69
N ALA A 65 21.66 2.63 -8.88
CA ALA A 65 22.28 3.86 -9.35
C ALA A 65 23.16 3.59 -10.57
N ASP A 66 24.00 2.55 -10.48
CA ASP A 66 24.76 2.12 -11.65
C ASP A 66 23.83 1.68 -12.78
N ALA A 67 22.77 0.96 -12.44
CA ALA A 67 21.96 0.29 -13.45
C ALA A 67 21.22 1.29 -14.33
N VAL A 68 20.70 2.37 -13.73
CA VAL A 68 19.95 3.34 -14.51
C VAL A 68 20.85 4.30 -15.28
N GLN A 69 22.13 4.39 -14.90
CA GLN A 69 23.03 5.34 -15.56
C GLN A 69 23.17 5.01 -17.04
N GLY A 70 22.90 6.01 -17.88
CA GLY A 70 22.96 5.81 -19.32
C GLY A 70 21.73 5.19 -19.93
N CYS A 71 20.67 4.98 -19.16
CA CYS A 71 19.44 4.40 -19.69
C CYS A 71 18.44 5.49 -20.04
N ASP A 72 17.66 5.23 -21.08
CA ASP A 72 16.66 6.19 -21.52
C ASP A 72 15.27 5.90 -20.96
N ALA A 73 15.01 4.67 -20.53
CA ALA A 73 13.69 4.27 -20.04
C ALA A 73 13.85 2.95 -19.30
N VAL A 74 12.82 2.59 -18.53
CA VAL A 74 12.87 1.43 -17.65
C VAL A 74 11.59 0.64 -17.78
N VAL A 75 11.70 -0.69 -17.78
CA VAL A 75 10.56 -1.58 -17.59
C VAL A 75 10.83 -2.35 -16.31
N HIS A 76 9.94 -2.20 -15.34
CA HIS A 76 10.18 -2.70 -13.99
C HIS A 76 9.34 -3.95 -13.83
N LEU A 77 9.95 -5.10 -14.10
CA LEU A 77 9.28 -6.38 -13.96
C LEU A 77 9.76 -7.19 -12.77
N ALA A 78 10.86 -6.79 -12.13
CA ALA A 78 11.40 -7.60 -11.03
C ALA A 78 10.41 -7.65 -9.89
N ALA A 79 10.09 -8.86 -9.45
CA ALA A 79 9.26 -9.09 -8.28
C ALA A 79 9.32 -10.58 -7.98
N VAL A 80 8.94 -10.93 -6.76
CA VAL A 80 8.71 -12.34 -6.44
C VAL A 80 7.28 -12.64 -6.90
N ALA A 81 7.14 -13.32 -8.04
CA ALA A 81 5.83 -13.44 -8.67
C ALA A 81 4.88 -14.33 -7.88
N SER A 82 5.43 -15.25 -7.09
CA SER A 82 4.61 -16.22 -6.35
C SER A 82 3.84 -15.50 -5.25
N VAL A 83 2.51 -15.40 -5.41
CA VAL A 83 1.69 -14.87 -4.34
C VAL A 83 1.90 -15.67 -3.06
N GLN A 84 2.01 -16.99 -3.18
CA GLN A 84 2.14 -17.83 -1.99
C GLN A 84 3.47 -17.58 -1.27
N ALA A 85 4.54 -17.29 -2.01
CA ALA A 85 5.79 -16.96 -1.34
C ALA A 85 5.65 -15.71 -0.47
N SER A 86 4.79 -14.76 -0.88
CA SER A 86 4.62 -13.55 -0.08
C SER A 86 3.80 -13.82 1.17
N VAL A 87 2.93 -14.84 1.10
CA VAL A 87 2.16 -15.24 2.28
C VAL A 87 3.07 -15.89 3.30
N GLU A 88 4.04 -16.67 2.83
CA GLU A 88 4.93 -17.37 3.73
C GLU A 88 6.02 -16.46 4.29
N ASP A 89 6.37 -15.39 3.58
CA ASP A 89 7.47 -14.51 3.98
C ASP A 89 7.17 -13.07 3.60
N PRO A 90 6.27 -12.41 4.32
CA PRO A 90 5.93 -11.02 3.95
C PRO A 90 7.11 -10.08 4.03
N VAL A 91 8.01 -10.30 4.98
CA VAL A 91 9.12 -9.38 5.19
C VAL A 91 10.09 -9.42 4.01
N ALA A 92 10.55 -10.62 3.64
CA ALA A 92 11.48 -10.73 2.52
C ALA A 92 10.83 -10.30 1.21
N THR A 93 9.60 -10.73 0.94
CA THR A 93 9.03 -10.41 -0.36
C THR A 93 8.69 -8.93 -0.50
N HIS A 94 8.39 -8.23 0.62
CA HIS A 94 8.15 -6.80 0.53
C HIS A 94 9.37 -6.04 -0.01
N GLN A 95 10.58 -6.49 0.29
CA GLN A 95 11.78 -5.88 -0.31
C GLN A 95 11.72 -5.96 -1.83
N SER A 96 11.44 -7.15 -2.36
CA SER A 96 11.40 -7.34 -3.80
C SER A 96 10.15 -6.73 -4.43
N ASN A 97 9.01 -6.81 -3.75
CA ASN A 97 7.75 -6.44 -4.38
C ASN A 97 7.36 -4.98 -4.16
N PHE A 98 7.97 -4.30 -3.19
CA PHE A 98 7.70 -2.88 -3.07
C PHE A 98 8.98 -2.05 -2.98
N ILE A 99 9.92 -2.44 -2.11
CA ILE A 99 11.09 -1.60 -1.88
C ILE A 99 11.86 -1.39 -3.18
N ALA A 100 11.94 -2.44 -4.00
CA ALA A 100 12.55 -2.30 -5.32
C ALA A 100 11.90 -1.18 -6.12
N THR A 101 10.57 -1.09 -6.10
CA THR A 101 9.89 -0.01 -6.82
C THR A 101 10.29 1.35 -6.28
N LEU A 102 10.31 1.50 -4.95
CA LEU A 102 10.64 2.78 -4.33
C LEU A 102 12.08 3.19 -4.65
N ARG A 103 13.03 2.26 -4.46
CA ARG A 103 14.41 2.55 -4.81
C ARG A 103 14.55 2.95 -6.28
N LEU A 104 13.82 2.25 -7.16
CA LEU A 104 13.86 2.59 -8.59
C LEU A 104 13.38 4.02 -8.83
N CYS A 105 12.28 4.39 -8.18
CA CYS A 105 11.77 5.76 -8.27
C CYS A 105 12.86 6.76 -7.89
N GLU A 106 13.54 6.50 -6.79
CA GLU A 106 14.61 7.39 -6.34
C GLU A 106 15.76 7.42 -7.34
N ALA A 107 16.15 6.25 -7.87
CA ALA A 107 17.26 6.23 -8.82
C ALA A 107 16.89 6.93 -10.12
N MET A 108 15.66 6.75 -10.59
CA MET A 108 15.26 7.38 -11.83
C MET A 108 15.19 8.89 -11.67
N THR A 109 14.65 9.35 -10.54
CA THR A 109 14.58 10.79 -10.29
C THR A 109 15.97 11.41 -10.28
N ALA A 110 16.91 10.79 -9.56
CA ALA A 110 18.26 11.35 -9.46
C ALA A 110 18.93 11.40 -10.83
N ALA A 111 18.69 10.40 -11.68
CA ALA A 111 19.30 10.36 -12.99
C ALA A 111 18.49 11.10 -14.06
N GLY A 112 17.31 11.60 -13.72
CA GLY A 112 16.53 12.34 -14.70
C GLY A 112 15.82 11.50 -15.74
N ILE A 113 15.53 10.24 -15.43
CA ILE A 113 14.83 9.34 -16.34
C ILE A 113 13.35 9.33 -15.96
N ARG A 114 12.48 9.57 -16.95
CA ARG A 114 11.04 9.70 -16.70
C ARG A 114 10.26 8.41 -16.93
N ARG A 115 10.44 7.74 -18.07
CA ARG A 115 9.49 6.71 -18.46
C ARG A 115 9.80 5.38 -17.76
N VAL A 116 8.80 4.83 -17.07
CA VAL A 116 8.92 3.51 -16.47
C VAL A 116 7.60 2.77 -16.68
N VAL A 117 7.66 1.61 -17.32
CA VAL A 117 6.52 0.73 -17.47
C VAL A 117 6.54 -0.24 -16.31
N PHE A 118 5.42 -0.35 -15.60
CA PHE A 118 5.37 -1.15 -14.37
C PHE A 118 4.35 -2.29 -14.49
N ALA A 119 4.77 -3.47 -14.05
CA ALA A 119 3.95 -4.68 -14.04
C ALA A 119 3.19 -4.76 -12.72
N SER A 120 1.99 -4.19 -12.72
CA SER A 120 1.08 -4.41 -11.61
C SER A 120 0.26 -5.65 -11.90
N SER A 121 -0.82 -5.87 -11.15
CA SER A 121 -1.49 -7.16 -11.20
C SER A 121 -2.96 -7.02 -10.91
N ALA A 122 -3.76 -7.90 -11.53
CA ALA A 122 -5.18 -7.99 -11.20
C ALA A 122 -5.41 -8.43 -9.75
N ALA A 123 -4.39 -8.96 -9.08
CA ALA A 123 -4.53 -9.27 -7.67
C ALA A 123 -4.93 -8.06 -6.81
N VAL A 124 -4.68 -6.82 -7.27
CA VAL A 124 -5.04 -5.66 -6.44
C VAL A 124 -6.54 -5.58 -6.21
N TYR A 125 -7.34 -6.23 -7.06
CA TYR A 125 -8.78 -6.21 -6.89
C TYR A 125 -9.28 -7.22 -5.88
N GLY A 126 -8.45 -8.15 -5.41
CA GLY A 126 -8.97 -9.22 -4.56
C GLY A 126 -10.10 -9.98 -5.24
N ASN A 127 -11.14 -10.30 -4.46
CA ASN A 127 -12.33 -10.94 -4.99
C ASN A 127 -13.35 -9.96 -5.54
N ASN A 128 -13.07 -8.66 -5.50
CA ASN A 128 -14.02 -7.69 -6.03
C ASN A 128 -14.19 -7.90 -7.53
N GLY A 129 -15.41 -7.74 -8.02
CA GLY A 129 -15.60 -7.90 -9.44
C GLY A 129 -15.61 -9.33 -9.94
N GLU A 130 -15.52 -10.33 -9.06
CA GLU A 130 -15.91 -11.68 -9.40
C GLU A 130 -17.21 -11.64 -10.20
N GLY A 131 -17.21 -12.30 -11.36
CA GLY A 131 -18.41 -12.34 -12.17
C GLY A 131 -18.72 -11.06 -12.95
N THR A 132 -17.81 -10.09 -12.97
CA THR A 132 -18.05 -8.84 -13.67
C THR A 132 -16.84 -8.46 -14.51
N PRO A 133 -17.02 -7.74 -15.62
CA PRO A 133 -15.86 -7.20 -16.33
C PRO A 133 -15.15 -6.21 -15.42
N ILE A 134 -13.92 -6.50 -15.02
CA ILE A 134 -13.26 -5.72 -13.97
C ILE A 134 -12.70 -4.44 -14.60
N ALA A 135 -13.30 -3.30 -14.25
CA ALA A 135 -12.77 -1.99 -14.66
C ALA A 135 -11.69 -1.52 -13.69
N GLU A 136 -10.89 -0.56 -14.15
CA GLU A 136 -9.76 -0.10 -13.34
C GLU A 136 -10.21 0.58 -12.03
N ASP A 137 -11.41 1.14 -12.00
CA ASP A 137 -11.91 1.72 -10.77
C ASP A 137 -12.68 0.72 -9.90
N THR A 138 -12.66 -0.57 -10.24
CA THR A 138 -13.20 -1.59 -9.33
C THR A 138 -12.52 -1.44 -7.97
N PRO A 139 -13.28 -1.43 -6.87
CA PRO A 139 -12.67 -1.23 -5.55
C PRO A 139 -11.55 -2.22 -5.30
N LYS A 140 -10.50 -1.74 -4.65
CA LYS A 140 -9.30 -2.54 -4.43
C LYS A 140 -9.45 -3.37 -3.18
N SER A 141 -8.92 -4.57 -3.20
CA SER A 141 -8.95 -5.34 -1.98
C SER A 141 -7.80 -6.34 -2.01
N PRO A 142 -6.55 -5.86 -1.98
CA PRO A 142 -5.40 -6.76 -2.06
C PRO A 142 -5.40 -7.69 -0.85
N LEU A 143 -5.35 -9.00 -1.12
CA LEU A 143 -5.55 -9.98 -0.06
C LEU A 143 -4.25 -10.52 0.52
N THR A 144 -3.11 -10.30 -0.13
CA THR A 144 -1.82 -10.84 0.27
C THR A 144 -0.79 -9.72 0.28
N PRO A 145 0.36 -9.94 0.93
CA PRO A 145 1.45 -8.95 0.84
C PRO A 145 1.81 -8.62 -0.61
N TYR A 146 1.87 -9.62 -1.50
CA TYR A 146 2.21 -9.39 -2.89
C TYR A 146 1.25 -8.40 -3.54
N ALA A 147 -0.05 -8.63 -3.37
CA ALA A 147 -1.06 -7.73 -3.94
C ALA A 147 -1.01 -6.35 -3.30
N ALA A 148 -0.82 -6.27 -1.98
CA ALA A 148 -0.73 -4.97 -1.34
C ALA A 148 0.51 -4.21 -1.82
N ASP A 149 1.61 -4.93 -2.07
CA ASP A 149 2.85 -4.30 -2.51
C ASP A 149 2.73 -3.79 -3.95
N LYS A 150 2.05 -4.55 -4.80
CA LYS A 150 1.81 -4.07 -6.17
C LYS A 150 0.99 -2.79 -6.14
N LEU A 151 -0.04 -2.74 -5.30
CA LEU A 151 -0.88 -1.55 -5.23
C LEU A 151 -0.11 -0.37 -4.61
N ALA A 152 0.67 -0.63 -3.57
CA ALA A 152 1.48 0.44 -2.97
C ALA A 152 2.51 0.96 -3.97
N SER A 153 3.11 0.05 -4.76
CA SER A 153 3.98 0.46 -5.85
C SER A 153 3.27 1.45 -6.79
N GLU A 154 2.02 1.15 -7.15
CA GLU A 154 1.26 2.07 -8.01
C GLU A 154 1.15 3.44 -7.36
N TYR A 155 0.80 3.47 -6.07
CA TYR A 155 0.59 4.75 -5.39
C TYR A 155 1.89 5.54 -5.30
N TYR A 156 3.01 4.86 -5.04
CA TYR A 156 4.27 5.59 -5.01
C TYR A 156 4.65 6.09 -6.38
N LEU A 157 4.43 5.26 -7.42
CA LEU A 157 4.69 5.70 -8.78
C LEU A 157 3.87 6.93 -9.12
N ASP A 158 2.62 6.98 -8.68
CA ASP A 158 1.81 8.17 -8.93
C ASP A 158 2.36 9.39 -8.17
N PHE A 159 2.85 9.18 -6.94
CA PHE A 159 3.40 10.29 -6.19
C PHE A 159 4.65 10.86 -6.87
N TYR A 160 5.52 9.99 -7.38
CA TYR A 160 6.70 10.46 -8.09
C TYR A 160 6.35 11.16 -9.39
N ARG A 161 5.26 10.72 -10.04
CA ARG A 161 4.79 11.44 -11.23
C ARG A 161 4.42 12.88 -10.89
N ARG A 162 3.60 13.05 -9.86
CA ARG A 162 3.10 14.38 -9.52
C ARG A 162 4.21 15.24 -8.90
N GLN A 163 5.04 14.65 -8.03
CA GLN A 163 6.04 15.40 -7.29
C GLN A 163 7.37 15.56 -8.03
N HIS A 164 7.73 14.62 -8.91
CA HIS A 164 9.06 14.65 -9.52
C HIS A 164 9.05 14.40 -11.03
N GLY A 165 7.90 14.44 -11.70
CA GLY A 165 7.88 14.38 -13.15
C GLY A 165 8.14 13.01 -13.76
N LEU A 166 8.07 11.95 -12.97
CA LEU A 166 8.13 10.60 -13.52
C LEU A 166 6.96 10.36 -14.47
N GLU A 167 7.14 9.46 -15.43
CA GLU A 167 6.10 9.08 -16.39
C GLU A 167 5.80 7.59 -16.27
N PRO A 168 5.10 7.16 -15.24
CA PRO A 168 4.79 5.74 -15.09
C PRO A 168 3.72 5.27 -16.07
N VAL A 169 3.90 4.06 -16.57
CA VAL A 169 2.90 3.35 -17.37
C VAL A 169 2.50 2.14 -16.55
N ILE A 170 1.38 2.26 -15.84
CA ILE A 170 0.96 1.24 -14.89
C ILE A 170 0.02 0.27 -15.58
N LEU A 171 0.42 -1.01 -15.62
CA LEU A 171 -0.31 -2.08 -16.31
C LEU A 171 -0.65 -3.18 -15.33
N ARG A 172 -1.93 -3.50 -15.20
CA ARG A 172 -2.37 -4.57 -14.31
C ARG A 172 -2.57 -5.82 -15.15
N PHE A 173 -1.63 -6.76 -15.04
CA PHE A 173 -1.67 -7.98 -15.84
C PHE A 173 -2.76 -8.91 -15.31
N PHE A 174 -3.53 -9.50 -16.24
CA PHE A 174 -4.34 -10.64 -15.86
C PHE A 174 -3.51 -11.91 -16.10
N ASN A 175 -4.06 -12.99 -16.64
CA ASN A 175 -3.35 -14.27 -16.62
C ASN A 175 -2.48 -14.44 -17.86
N ILE A 176 -1.18 -14.18 -17.73
CA ILE A 176 -0.23 -14.28 -18.84
C ILE A 176 0.23 -15.72 -18.97
N PHE A 177 0.46 -16.18 -20.20
CA PHE A 177 0.96 -17.53 -20.43
C PHE A 177 1.84 -17.54 -21.67
N GLY A 178 2.71 -18.55 -21.77
CA GLY A 178 3.51 -18.74 -22.95
C GLY A 178 4.80 -19.48 -22.66
N PRO A 179 5.62 -19.65 -23.70
CA PRO A 179 6.92 -20.31 -23.50
C PRO A 179 7.76 -19.58 -22.45
N ARG A 180 8.55 -20.36 -21.72
CA ARG A 180 9.46 -19.97 -20.64
C ARG A 180 8.72 -19.72 -19.32
N GLN A 181 7.40 -19.90 -19.26
CA GLN A 181 6.70 -19.81 -17.98
C GLN A 181 6.96 -21.08 -17.18
N ASP A 182 7.60 -20.91 -16.03
CA ASP A 182 8.05 -22.04 -15.21
C ASP A 182 6.87 -22.90 -14.74
N PRO A 183 6.83 -24.19 -15.08
CA PRO A 183 5.73 -25.04 -14.60
C PRO A 183 6.10 -25.90 -13.39
N SER A 184 7.20 -25.56 -12.70
CA SER A 184 7.75 -26.46 -11.69
C SER A 184 7.05 -26.36 -10.35
N SER A 185 6.39 -25.27 -10.07
CA SER A 185 5.74 -25.06 -8.80
C SER A 185 4.27 -25.46 -8.88
N PRO A 186 3.68 -25.92 -7.77
CA PRO A 186 2.23 -26.18 -7.77
C PRO A 186 1.39 -24.94 -8.03
N TYR A 187 1.91 -23.76 -7.73
CA TYR A 187 1.20 -22.51 -8.00
C TYR A 187 1.68 -21.86 -9.27
N SER A 188 2.36 -22.60 -10.14
CA SER A 188 2.59 -22.12 -11.50
C SER A 188 1.25 -21.87 -12.18
N GLY A 189 1.27 -21.08 -13.23
CA GLY A 189 0.03 -20.82 -13.96
C GLY A 189 -0.56 -22.12 -14.47
N VAL A 190 -1.90 -22.21 -14.46
CA VAL A 190 -2.56 -23.47 -14.80
C VAL A 190 -2.25 -23.91 -16.22
N ILE A 191 -1.99 -22.96 -17.12
CA ILE A 191 -1.70 -23.33 -18.50
C ILE A 191 -0.33 -23.98 -18.61
N SER A 192 0.67 -23.44 -17.90
CA SER A 192 2.00 -24.04 -17.95
C SER A 192 1.99 -25.45 -17.35
N ILE A 193 1.23 -25.65 -16.27
CA ILE A 193 1.13 -26.98 -15.66
C ILE A 193 0.37 -27.93 -16.56
N PHE A 194 -0.84 -27.55 -17.00
CA PHE A 194 -1.64 -28.44 -17.83
C PHE A 194 -0.93 -28.79 -19.14
N SER A 195 -0.16 -27.86 -19.70
CA SER A 195 0.52 -28.13 -20.96
C SER A 195 1.72 -29.06 -20.78
N GLU A 196 2.52 -28.81 -19.75
CA GLU A 196 3.64 -29.69 -19.44
C GLU A 196 3.17 -31.12 -19.17
N ARG A 197 2.05 -31.26 -18.45
CA ARG A 197 1.52 -32.60 -18.20
C ARG A 197 0.94 -33.21 -19.48
N ALA A 198 0.36 -32.40 -20.35
CA ALA A 198 -0.15 -32.91 -21.63
C ALA A 198 0.99 -33.39 -22.52
N LYS A 199 2.06 -32.61 -22.61
CA LYS A 199 3.21 -33.01 -23.43
C LYS A 199 3.86 -34.28 -22.90
N ALA A 200 3.96 -34.40 -21.58
CA ALA A 200 4.56 -35.57 -20.95
C ALA A 200 3.57 -36.73 -20.79
N GLY A 201 2.32 -36.56 -21.18
CA GLY A 201 1.34 -37.63 -21.06
C GLY A 201 1.08 -38.06 -19.62
N ARG A 202 1.17 -37.14 -18.69
CA ARG A 202 0.92 -37.34 -17.28
C ARG A 202 -0.41 -36.72 -16.89
N PRO A 203 -1.07 -37.25 -15.85
CA PRO A 203 -2.38 -36.73 -15.48
C PRO A 203 -2.31 -35.30 -14.95
N ILE A 204 -3.41 -34.58 -15.09
CA ILE A 204 -3.56 -33.26 -14.51
C ILE A 204 -4.56 -33.34 -13.37
N THR A 205 -4.53 -32.34 -12.50
CA THR A 205 -5.48 -32.25 -11.39
C THR A 205 -6.31 -30.99 -11.58
N LEU A 206 -7.62 -31.16 -11.63
CA LEU A 206 -8.57 -30.06 -11.75
C LEU A 206 -9.16 -29.78 -10.37
N PHE A 207 -8.91 -28.56 -9.87
CA PHE A 207 -9.45 -28.13 -8.59
C PHE A 207 -10.81 -27.50 -8.82
N GLY A 208 -11.87 -28.23 -8.47
CA GLY A 208 -13.21 -27.78 -8.75
C GLY A 208 -13.79 -28.43 -9.99
N ASP A 209 -14.87 -27.83 -10.49
CA ASP A 209 -15.62 -28.41 -11.59
C ASP A 209 -15.10 -28.00 -12.96
N GLY A 210 -14.06 -27.17 -13.03
CA GLY A 210 -13.59 -26.68 -14.31
C GLY A 210 -14.42 -25.59 -14.95
N GLY A 211 -15.47 -25.12 -14.28
CA GLY A 211 -16.23 -24.00 -14.81
C GLY A 211 -15.61 -22.64 -14.57
N GLN A 212 -14.56 -22.57 -13.74
CA GLN A 212 -13.83 -21.31 -13.53
C GLN A 212 -13.34 -20.74 -14.85
N THR A 213 -13.39 -19.42 -14.98
CA THR A 213 -12.95 -18.74 -16.18
C THR A 213 -11.84 -17.74 -15.87
N ARG A 214 -10.93 -17.58 -16.83
CA ARG A 214 -9.85 -16.61 -16.73
C ARG A 214 -9.69 -15.89 -18.07
N ASP A 215 -9.10 -14.70 -17.98
CA ASP A 215 -8.81 -13.84 -19.13
C ASP A 215 -7.33 -14.05 -19.45
N PHE A 216 -7.05 -15.10 -20.23
CA PHE A 216 -5.68 -15.47 -20.57
C PHE A 216 -5.13 -14.59 -21.68
N VAL A 217 -3.86 -14.21 -21.54
CA VAL A 217 -3.18 -13.32 -22.48
C VAL A 217 -1.86 -13.97 -22.88
N TYR A 218 -1.67 -14.20 -24.18
CA TYR A 218 -0.41 -14.77 -24.65
C TYR A 218 0.72 -13.78 -24.48
N VAL A 219 1.89 -14.29 -24.07
CA VAL A 219 2.99 -13.41 -23.67
C VAL A 219 3.38 -12.46 -24.80
N ALA A 220 3.35 -12.93 -26.05
CA ALA A 220 3.79 -12.08 -27.15
C ALA A 220 2.90 -10.84 -27.30
N ASP A 221 1.60 -10.97 -27.00
CA ASP A 221 0.73 -9.80 -27.06
C ASP A 221 1.03 -8.83 -25.94
N LEU A 222 1.32 -9.35 -24.73
CA LEU A 222 1.72 -8.49 -23.63
C LEU A 222 3.00 -7.73 -23.97
N VAL A 223 3.98 -8.41 -24.58
CA VAL A 223 5.24 -7.77 -24.92
C VAL A 223 5.03 -6.59 -25.86
N LYS A 224 4.11 -6.72 -26.82
CA LYS A 224 3.81 -5.61 -27.73
C LYS A 224 3.30 -4.40 -26.97
N ILE A 225 2.49 -4.64 -25.93
CA ILE A 225 1.98 -3.55 -25.11
C ILE A 225 3.10 -2.93 -24.29
N LEU A 226 3.98 -3.77 -23.71
CA LEU A 226 5.10 -3.23 -22.94
C LEU A 226 5.96 -2.31 -23.79
N VAL A 227 6.27 -2.73 -25.01
CA VAL A 227 7.09 -1.91 -25.90
C VAL A 227 6.37 -0.61 -26.24
N GLN A 228 5.05 -0.68 -26.52
CA GLN A 228 4.27 0.53 -26.79
C GLN A 228 4.29 1.48 -25.59
N GLY A 229 4.22 0.93 -24.38
CA GLY A 229 4.31 1.79 -23.21
C GLY A 229 5.60 2.58 -23.15
N LEU A 230 6.70 2.00 -23.66
CA LEU A 230 7.98 2.71 -23.71
C LEU A 230 7.97 3.82 -24.75
N GLU A 231 7.28 3.59 -25.88
CA GLU A 231 7.38 4.45 -27.04
C GLU A 231 6.23 5.44 -27.19
N SER A 232 5.17 5.31 -26.40
CA SER A 232 4.06 6.26 -26.54
C SER A 232 4.52 7.65 -26.11
N PRO A 233 4.07 8.70 -26.80
CA PRO A 233 4.60 10.04 -26.50
C PRO A 233 4.02 10.70 -25.25
N ALA A 234 2.81 10.31 -24.83
CA ALA A 234 2.16 10.93 -23.67
C ALA A 234 1.23 9.94 -23.01
N PRO A 235 1.77 9.01 -22.23
CA PRO A 235 0.92 7.96 -21.66
C PRO A 235 0.01 8.49 -20.57
N ALA A 236 -1.15 7.86 -20.42
CA ALA A 236 -2.08 8.22 -19.35
C ALA A 236 -1.46 7.99 -17.98
N ALA A 237 -1.98 8.71 -16.98
CA ALA A 237 -1.44 8.65 -15.63
C ALA A 237 -1.94 7.46 -14.83
N ASP A 238 -3.18 7.01 -15.06
CA ASP A 238 -3.75 5.96 -14.24
C ASP A 238 -3.52 4.57 -14.87
N ALA A 239 -3.87 3.53 -14.10
CA ALA A 239 -3.59 2.16 -14.47
C ALA A 239 -4.41 1.72 -15.69
N THR A 240 -3.91 0.69 -16.37
CA THR A 240 -4.59 0.06 -17.49
C THR A 240 -4.59 -1.46 -17.27
N ASN A 241 -5.78 -2.06 -17.23
CA ASN A 241 -5.88 -3.52 -17.21
C ASN A 241 -5.29 -4.10 -18.50
N VAL A 242 -4.44 -5.10 -18.36
CA VAL A 242 -4.02 -5.85 -19.55
C VAL A 242 -4.72 -7.20 -19.54
N GLY A 243 -5.87 -7.26 -20.22
CA GLY A 243 -6.55 -8.51 -20.46
C GLY A 243 -7.23 -8.34 -21.80
N LEU A 244 -7.76 -9.44 -22.32
CA LEU A 244 -8.46 -9.39 -23.59
C LEU A 244 -9.97 -9.36 -23.42
N GLY A 245 -10.47 -9.32 -22.19
CA GLY A 245 -11.90 -9.51 -22.03
C GLY A 245 -12.35 -10.87 -22.51
N GLY A 246 -11.45 -11.85 -22.56
CA GLY A 246 -11.78 -13.19 -22.99
C GLY A 246 -12.27 -14.05 -21.84
N VAL A 247 -13.01 -15.09 -22.18
CA VAL A 247 -13.62 -15.98 -21.21
C VAL A 247 -13.28 -17.40 -21.63
N THR A 248 -12.40 -18.04 -20.89
CA THR A 248 -12.01 -19.42 -21.12
C THR A 248 -12.30 -20.20 -19.85
N THR A 249 -13.06 -21.29 -19.96
CA THR A 249 -13.20 -22.16 -18.80
C THR A 249 -12.00 -23.09 -18.73
N LEU A 250 -11.77 -23.65 -17.53
CA LEU A 250 -10.72 -24.66 -17.39
C LEU A 250 -11.07 -25.89 -18.21
N ASN A 251 -12.36 -26.24 -18.27
CA ASN A 251 -12.78 -27.35 -19.10
C ASN A 251 -12.55 -27.04 -20.58
N ASP A 252 -12.79 -25.80 -21.02
CA ASP A 252 -12.40 -25.36 -22.36
C ASP A 252 -10.91 -25.60 -22.60
N LEU A 253 -10.10 -25.19 -21.63
CA LEU A 253 -8.64 -25.32 -21.76
C LEU A 253 -8.22 -26.78 -21.86
N ILE A 254 -8.80 -27.64 -21.03
CA ILE A 254 -8.49 -29.07 -21.08
C ILE A 254 -8.87 -29.64 -22.44
N GLY A 255 -10.04 -29.26 -22.96
CA GLY A 255 -10.44 -29.73 -24.29
C GLY A 255 -9.50 -29.26 -25.36
N ALA A 256 -9.06 -28.00 -25.29
CA ALA A 256 -8.16 -27.47 -26.31
C ALA A 256 -6.79 -28.14 -26.24
N LEU A 257 -6.32 -28.46 -25.04
CA LEU A 257 -5.05 -29.17 -24.91
C LEU A 257 -5.16 -30.61 -25.40
N GLN A 258 -6.28 -31.28 -25.13
CA GLN A 258 -6.46 -32.64 -25.63
C GLN A 258 -6.49 -32.65 -27.14
N GLN A 259 -7.13 -31.65 -27.76
CA GLN A 259 -7.14 -31.57 -29.22
C GLN A 259 -5.75 -31.27 -29.75
N ILE A 260 -4.94 -30.51 -29.01
CA ILE A 260 -3.61 -30.15 -29.50
C ILE A 260 -2.64 -31.31 -29.31
N SER A 261 -2.65 -31.92 -28.14
CA SER A 261 -1.77 -33.05 -27.87
C SER A 261 -2.17 -34.30 -28.65
N GLY A 262 -3.43 -34.40 -29.05
CA GLY A 262 -3.92 -35.59 -29.73
C GLY A 262 -4.29 -36.74 -28.83
N LYS A 263 -4.01 -36.65 -27.53
CA LYS A 263 -4.36 -37.69 -26.59
C LYS A 263 -5.25 -37.14 -25.49
N PRO A 264 -6.25 -37.91 -25.06
CA PRO A 264 -7.11 -37.42 -23.97
C PRO A 264 -6.34 -37.33 -22.66
N LEU A 265 -6.61 -36.28 -21.91
CA LEU A 265 -5.95 -36.07 -20.63
C LEU A 265 -6.72 -36.81 -19.54
N GLN A 266 -5.99 -37.52 -18.69
CA GLN A 266 -6.60 -38.02 -17.46
C GLN A 266 -6.73 -36.86 -16.48
N VAL A 267 -7.95 -36.68 -15.95
CA VAL A 267 -8.27 -35.54 -15.11
C VAL A 267 -8.62 -36.06 -13.73
N SER A 268 -7.68 -35.94 -12.79
CA SER A 268 -7.99 -36.19 -11.39
C SER A 268 -8.76 -35.01 -10.82
N HIS A 269 -9.74 -35.29 -9.97
CA HIS A 269 -10.59 -34.26 -9.38
C HIS A 269 -10.03 -33.86 -8.03
N GLY A 270 -9.74 -32.58 -7.86
CA GLY A 270 -9.40 -32.04 -6.56
C GLY A 270 -10.48 -31.06 -6.10
N ALA A 271 -10.49 -30.74 -4.82
CA ALA A 271 -11.44 -29.75 -4.32
C ALA A 271 -11.02 -28.35 -4.78
N THR A 272 -12.02 -27.49 -4.98
CA THR A 272 -11.72 -26.13 -5.39
C THR A 272 -10.80 -25.46 -4.36
N ARG A 273 -9.84 -24.69 -4.85
CA ARG A 273 -8.89 -24.02 -3.96
C ARG A 273 -9.61 -23.00 -3.09
N SER A 274 -9.21 -22.92 -1.82
CA SER A 274 -9.81 -21.97 -0.90
C SER A 274 -9.57 -20.55 -1.40
N GLY A 275 -10.62 -19.74 -1.44
CA GLY A 275 -10.52 -18.37 -1.88
C GLY A 275 -10.44 -18.18 -3.38
N ASP A 276 -10.37 -19.26 -4.15
CA ASP A 276 -10.27 -19.19 -5.60
C ASP A 276 -11.40 -18.35 -6.19
N ILE A 277 -11.05 -17.46 -7.11
CA ILE A 277 -12.04 -16.66 -7.83
C ILE A 277 -12.61 -17.52 -8.96
N ARG A 278 -13.94 -17.58 -9.05
CA ARG A 278 -14.51 -18.44 -10.10
C ARG A 278 -14.40 -17.77 -11.46
N HIS A 279 -14.91 -16.54 -11.59
CA HIS A 279 -14.95 -15.86 -12.88
C HIS A 279 -14.13 -14.57 -12.82
N SER A 280 -13.10 -14.49 -13.65
CA SER A 280 -12.20 -13.34 -13.70
C SER A 280 -12.05 -12.87 -15.15
N LYS A 281 -12.39 -11.62 -15.41
CA LYS A 281 -12.41 -11.08 -16.75
C LYS A 281 -12.06 -9.60 -16.69
N ALA A 282 -11.13 -9.15 -17.52
CA ALA A 282 -10.85 -7.72 -17.58
C ALA A 282 -11.91 -7.01 -18.43
N ASP A 283 -12.33 -5.84 -17.96
CA ASP A 283 -12.85 -4.79 -18.85
C ASP A 283 -11.62 -4.08 -19.40
N ASN A 284 -11.34 -4.28 -20.68
CA ASN A 284 -10.11 -3.75 -21.27
C ASN A 284 -10.36 -2.55 -22.19
N ARG A 285 -11.45 -1.81 -21.94
CA ARG A 285 -11.71 -0.60 -22.73
C ARG A 285 -10.51 0.34 -22.72
N ARG A 286 -9.90 0.58 -21.55
CA ARG A 286 -8.75 1.49 -21.49
C ARG A 286 -7.59 0.96 -22.33
N LEU A 287 -7.34 -0.35 -22.28
CA LEU A 287 -6.29 -0.92 -23.12
C LEU A 287 -6.59 -0.70 -24.59
N ARG A 288 -7.84 -0.95 -25.00
CA ARG A 288 -8.19 -0.78 -26.40
C ARG A 288 -8.02 0.67 -26.83
N GLU A 289 -8.35 1.61 -25.93
CA GLU A 289 -8.24 3.02 -26.28
C GLU A 289 -6.79 3.49 -26.30
N ARG A 290 -6.00 3.07 -25.32
CA ARG A 290 -4.67 3.64 -25.13
C ARG A 290 -3.59 2.93 -25.93
N PHE A 291 -3.82 1.69 -26.34
CA PHE A 291 -2.78 0.91 -27.01
C PHE A 291 -3.32 0.39 -28.34
N ASP A 292 -2.40 0.05 -29.23
CA ASP A 292 -2.73 -0.60 -30.49
C ASP A 292 -2.67 -2.10 -30.26
N LEU A 293 -3.85 -2.74 -30.21
CA LEU A 293 -3.95 -4.15 -29.89
C LEU A 293 -3.85 -5.07 -31.10
N GLY A 294 -4.09 -4.55 -32.31
CA GLY A 294 -4.13 -5.41 -33.48
C GLY A 294 -5.11 -6.54 -33.29
N THR A 295 -4.73 -7.73 -33.76
CA THR A 295 -5.50 -8.94 -33.48
C THR A 295 -4.72 -9.82 -32.51
N PRO A 296 -5.07 -9.84 -31.23
CA PRO A 296 -4.37 -10.71 -30.28
C PRO A 296 -4.47 -12.18 -30.67
N SER A 297 -3.49 -12.95 -30.21
CA SER A 297 -3.55 -14.39 -30.39
C SER A 297 -4.74 -14.96 -29.64
N SER A 298 -5.45 -15.88 -30.28
CA SER A 298 -6.47 -16.61 -29.57
C SER A 298 -5.82 -17.59 -28.59
N LEU A 299 -6.64 -18.13 -27.69
CA LEU A 299 -6.13 -19.11 -26.74
C LEU A 299 -5.54 -20.31 -27.49
N ALA A 300 -6.26 -20.83 -28.48
CA ALA A 300 -5.77 -21.97 -29.25
C ALA A 300 -4.46 -21.64 -29.95
N GLU A 301 -4.33 -20.43 -30.48
CA GLU A 301 -3.06 -20.02 -31.10
C GLU A 301 -1.94 -20.01 -30.07
N GLY A 302 -2.19 -19.35 -28.92
CA GLY A 302 -1.19 -19.32 -27.87
C GLY A 302 -0.85 -20.71 -27.35
N LEU A 303 -1.86 -21.55 -27.16
CA LEU A 303 -1.62 -22.91 -26.66
C LEU A 303 -0.77 -23.70 -27.64
N GLU A 304 -1.11 -23.62 -28.94
CA GLU A 304 -0.36 -24.35 -29.94
C GLU A 304 1.08 -23.86 -30.00
N ARG A 305 1.29 -22.54 -29.91
CA ARG A 305 2.65 -22.00 -29.91
C ARG A 305 3.42 -22.45 -28.67
N LEU A 306 2.74 -22.46 -27.51
CA LEU A 306 3.38 -22.98 -26.30
C LEU A 306 3.70 -24.46 -26.43
N TYR A 307 2.71 -25.28 -26.81
CA TYR A 307 2.91 -26.72 -26.80
C TYR A 307 4.02 -27.13 -27.77
N ARG A 308 4.09 -26.47 -28.93
CA ARG A 308 5.12 -26.82 -29.90
C ARG A 308 6.52 -26.48 -29.40
N SER A 309 6.62 -25.65 -28.36
CA SER A 309 7.91 -25.22 -27.82
C SER A 309 8.43 -26.12 -26.72
N LEU A 310 7.62 -27.06 -26.24
CA LEU A 310 7.98 -27.91 -25.11
C LEU A 310 8.81 -29.14 -25.52
N ALA B 3 -2.31 -8.31 36.44
CA ALA B 3 -2.70 -7.11 35.71
C ALA B 3 -2.17 -7.15 34.28
N GLU B 4 -2.97 -6.63 33.35
CA GLU B 4 -2.63 -6.71 31.93
C GLU B 4 -1.69 -5.57 31.53
N ARG B 5 -0.82 -5.86 30.56
CA ARG B 5 0.16 -4.91 30.09
C ARG B 5 -0.13 -4.57 28.63
N ILE B 6 -0.18 -3.29 28.32
CA ILE B 6 -0.39 -2.79 26.97
C ILE B 6 0.91 -2.22 26.43
N LEU B 7 1.34 -2.71 25.29
CA LEU B 7 2.44 -2.12 24.55
C LEU B 7 1.90 -0.96 23.73
N VAL B 8 2.46 0.23 23.89
CA VAL B 8 2.04 1.39 23.12
C VAL B 8 3.25 1.89 22.33
N THR B 9 3.32 1.56 21.05
CA THR B 9 4.34 2.17 20.21
C THR B 9 4.00 3.64 19.98
N GLY B 10 5.02 4.49 19.96
CA GLY B 10 4.77 5.92 19.86
C GLY B 10 4.11 6.51 21.09
N GLY B 11 4.17 5.80 22.22
CA GLY B 11 3.51 6.19 23.46
C GLY B 11 4.05 7.45 24.10
N ALA B 12 5.20 7.95 23.67
CA ALA B 12 5.73 9.19 24.23
C ALA B 12 5.26 10.42 23.47
N GLY B 13 4.41 10.25 22.44
CA GLY B 13 3.98 11.35 21.60
C GLY B 13 2.70 12.02 22.11
N PHE B 14 2.09 12.81 21.22
CA PHE B 14 0.91 13.59 21.56
C PHE B 14 -0.22 12.67 21.98
N ILE B 15 -0.76 11.88 21.03
CA ILE B 15 -1.87 11.00 21.36
C ILE B 15 -1.45 9.92 22.32
N GLY B 16 -0.24 9.36 22.11
CA GLY B 16 0.20 8.23 22.91
C GLY B 16 0.32 8.54 24.39
N SER B 17 0.89 9.69 24.74
CA SER B 17 1.10 9.95 26.15
C SER B 17 -0.23 10.13 26.88
N HIS B 18 -1.23 10.72 26.22
CA HIS B 18 -2.56 10.78 26.82
C HIS B 18 -3.14 9.37 26.99
N LEU B 19 -2.98 8.52 25.98
CA LEU B 19 -3.45 7.14 26.12
C LEU B 19 -2.75 6.46 27.30
N VAL B 20 -1.45 6.70 27.44
CA VAL B 20 -0.70 6.10 28.55
C VAL B 20 -1.28 6.51 29.89
N ASP B 21 -1.46 7.82 30.10
CA ASP B 21 -2.11 8.30 31.32
C ASP B 21 -3.40 7.53 31.58
N ALA B 22 -4.26 7.42 30.56
CA ALA B 22 -5.57 6.82 30.74
C ALA B 22 -5.48 5.33 31.04
N LEU B 23 -4.59 4.61 30.34
CA LEU B 23 -4.42 3.19 30.61
C LEU B 23 -3.93 2.96 32.04
N LEU B 24 -2.84 3.64 32.42
CA LEU B 24 -2.33 3.54 33.78
C LEU B 24 -3.42 3.80 34.81
N ALA B 25 -4.22 4.84 34.58
CA ALA B 25 -5.27 5.20 35.54
C ALA B 25 -6.29 4.08 35.67
N LYS B 26 -6.56 3.36 34.58
CA LYS B 26 -7.47 2.22 34.62
C LYS B 26 -6.85 0.99 35.27
N GLY B 27 -5.57 1.03 35.62
CA GLY B 27 -4.92 -0.09 36.27
C GLY B 27 -4.09 -0.96 35.37
N TYR B 28 -4.04 -0.68 34.06
CA TYR B 28 -3.17 -1.43 33.19
C TYR B 28 -1.71 -1.14 33.51
N ALA B 29 -0.87 -2.14 33.31
CA ALA B 29 0.55 -1.89 33.08
C ALA B 29 0.75 -1.43 31.65
N VAL B 30 1.74 -0.58 31.43
CA VAL B 30 1.98 -0.02 30.11
C VAL B 30 3.47 -0.11 29.81
N ARG B 31 3.79 -0.49 28.56
CA ARG B 31 5.15 -0.44 28.07
C ARG B 31 5.17 0.44 26.83
N VAL B 32 5.93 1.53 26.89
CA VAL B 32 6.04 2.46 25.78
C VAL B 32 7.26 2.10 24.96
N LEU B 33 7.11 2.04 23.63
CA LEU B 33 8.22 1.93 22.70
C LEU B 33 8.21 3.18 21.84
N ASP B 34 9.28 3.97 21.94
CA ASP B 34 9.32 5.27 21.28
C ASP B 34 10.77 5.65 21.00
N ASP B 35 11.03 6.20 19.81
CA ASP B 35 12.40 6.62 19.51
C ASP B 35 12.67 8.07 19.90
N LEU B 36 11.68 8.74 20.52
CA LEU B 36 11.83 10.14 20.94
C LEU B 36 12.19 11.05 19.78
N SER B 37 11.76 10.70 18.56
CA SER B 37 11.97 11.59 17.43
C SER B 37 11.14 12.86 17.59
N THR B 38 9.84 12.71 17.81
CA THR B 38 9.00 13.81 18.24
C THR B 38 8.40 13.61 19.63
N GLY B 39 8.33 12.37 20.11
CA GLY B 39 7.86 12.11 21.46
C GLY B 39 8.83 12.63 22.52
N LYS B 40 8.34 12.73 23.75
CA LYS B 40 9.10 13.35 24.83
C LYS B 40 8.90 12.56 26.11
N VAL B 41 10.02 12.31 26.81
CA VAL B 41 9.92 11.62 28.10
C VAL B 41 9.09 12.44 29.09
N GLY B 42 9.18 13.77 28.99
CA GLY B 42 8.38 14.65 29.83
C GLY B 42 6.88 14.52 29.62
N ASN B 43 6.46 13.90 28.51
CA ASN B 43 5.03 13.62 28.29
C ASN B 43 4.55 12.46 29.14
N LEU B 44 5.45 11.63 29.62
CA LEU B 44 5.09 10.41 30.33
C LEU B 44 5.15 10.60 31.84
N PRO B 45 4.31 9.87 32.58
CA PRO B 45 4.40 9.89 34.06
C PRO B 45 5.45 8.91 34.54
N MET B 46 6.71 9.28 34.37
CA MET B 46 7.80 8.34 34.58
C MET B 46 7.81 7.75 35.98
N GLY B 47 7.23 8.44 36.96
CA GLY B 47 7.16 7.89 38.30
C GLY B 47 6.17 6.77 38.50
N ASP B 48 5.27 6.52 37.54
CA ASP B 48 4.25 5.50 37.73
C ASP B 48 4.88 4.13 37.69
N ALA B 49 4.68 3.35 38.77
CA ALA B 49 5.26 2.02 38.86
C ALA B 49 4.77 1.10 37.75
N GLY B 50 3.62 1.40 37.14
CA GLY B 50 3.06 0.61 36.07
C GLY B 50 3.60 0.88 34.69
N LEU B 51 4.50 1.86 34.55
CA LEU B 51 5.02 2.27 33.26
C LEU B 51 6.43 1.72 33.06
N GLU B 52 6.67 1.19 31.87
CA GLU B 52 8.01 0.86 31.39
C GLU B 52 8.27 1.64 30.10
N LEU B 53 9.52 2.05 29.90
CA LEU B 53 9.90 2.81 28.72
C LEU B 53 11.05 2.12 27.99
N LEU B 54 10.86 1.87 26.69
CA LEU B 54 11.90 1.36 25.80
C LEU B 54 12.15 2.40 24.72
N VAL B 55 13.35 2.98 24.70
CA VAL B 55 13.71 3.97 23.70
C VAL B 55 14.37 3.25 22.52
N GLY B 56 13.75 3.30 21.36
CA GLY B 56 14.30 2.63 20.20
C GLY B 56 13.35 2.74 19.02
N ASP B 57 13.72 2.05 17.95
CA ASP B 57 13.00 2.10 16.68
C ASP B 57 11.94 1.00 16.62
N ALA B 58 10.69 1.38 16.34
CA ALA B 58 9.57 0.44 16.24
C ALA B 58 9.67 -0.47 15.01
N ALA B 59 10.57 -0.18 14.08
CA ALA B 59 10.86 -1.05 12.94
C ALA B 59 11.96 -2.08 13.24
N ASP B 60 12.50 -2.07 14.45
CA ASP B 60 13.61 -2.94 14.84
C ASP B 60 13.04 -4.27 15.32
N ALA B 61 13.25 -5.34 14.53
CA ALA B 61 12.66 -6.64 14.85
C ALA B 61 13.16 -7.17 16.19
N ALA B 62 14.47 -7.06 16.45
CA ALA B 62 15.02 -7.51 17.73
C ALA B 62 14.37 -6.78 18.89
N LEU B 63 14.13 -5.47 18.74
CA LEU B 63 13.50 -4.71 19.83
C LEU B 63 12.05 -5.15 20.02
N LEU B 64 11.32 -5.37 18.93
CA LEU B 64 9.92 -5.77 19.05
C LEU B 64 9.79 -7.13 19.72
N ALA B 65 10.73 -8.05 19.43
CA ALA B 65 10.69 -9.36 20.07
C ALA B 65 10.82 -9.25 21.57
N ASP B 66 11.65 -8.31 22.05
CA ASP B 66 11.73 -8.07 23.48
C ASP B 66 10.48 -7.36 23.97
N ALA B 67 10.03 -6.35 23.23
CA ALA B 67 9.00 -5.44 23.73
C ALA B 67 7.67 -6.15 23.92
N VAL B 68 7.34 -7.12 23.07
CA VAL B 68 6.04 -7.79 23.15
C VAL B 68 5.97 -8.83 24.25
N GLN B 69 7.12 -9.27 24.77
CA GLN B 69 7.13 -10.35 25.77
C GLN B 69 6.41 -9.90 27.03
N GLY B 70 5.37 -10.63 27.42
CA GLY B 70 4.62 -10.26 28.60
C GLY B 70 3.54 -9.22 28.36
N CYS B 71 3.26 -8.87 27.10
CA CYS B 71 2.22 -7.91 26.76
C CYS B 71 0.96 -8.63 26.31
N ASP B 72 -0.19 -8.04 26.63
CA ASP B 72 -1.48 -8.66 26.32
C ASP B 72 -2.18 -8.06 25.11
N ALA B 73 -1.77 -6.87 24.67
CA ALA B 73 -2.39 -6.18 23.56
C ALA B 73 -1.49 -4.99 23.20
N VAL B 74 -1.71 -4.43 22.01
CA VAL B 74 -0.88 -3.36 21.48
C VAL B 74 -1.75 -2.23 20.94
N VAL B 75 -1.29 -1.00 21.14
CA VAL B 75 -1.76 0.16 20.39
C VAL B 75 -0.56 0.65 19.58
N HIS B 76 -0.73 0.73 18.27
CA HIS B 76 0.38 1.01 17.36
C HIS B 76 0.22 2.45 16.88
N LEU B 77 0.89 3.38 17.59
CA LEU B 77 0.83 4.79 17.25
C LEU B 77 2.12 5.33 16.66
N ALA B 78 3.21 4.56 16.70
CA ALA B 78 4.47 5.04 16.15
C ALA B 78 4.35 5.29 14.65
N ALA B 79 4.77 6.48 14.22
CA ALA B 79 4.82 6.89 12.82
C ALA B 79 5.43 8.27 12.78
N VAL B 80 5.93 8.67 11.61
CA VAL B 80 6.35 10.05 11.42
C VAL B 80 5.11 10.80 10.96
N ALA B 81 4.53 11.60 11.87
CA ALA B 81 3.18 12.13 11.66
C ALA B 81 3.15 13.24 10.62
N SER B 82 4.26 13.95 10.43
CA SER B 82 4.35 15.00 9.43
C SER B 82 4.25 14.41 8.03
N VAL B 83 3.11 14.62 7.37
CA VAL B 83 2.96 14.20 5.97
C VAL B 83 4.06 14.81 5.11
N GLN B 84 4.40 16.07 5.36
CA GLN B 84 5.43 16.75 4.58
C GLN B 84 6.79 16.06 4.74
N ALA B 85 7.08 15.51 5.92
CA ALA B 85 8.33 14.77 6.09
C ALA B 85 8.39 13.56 5.17
N SER B 86 7.25 12.93 4.87
CA SER B 86 7.28 11.77 3.99
C SER B 86 7.50 12.18 2.55
N VAL B 87 7.06 13.38 2.18
CA VAL B 87 7.31 13.88 0.83
C VAL B 87 8.79 14.19 0.65
N GLU B 88 9.43 14.69 1.71
CA GLU B 88 10.84 15.04 1.66
C GLU B 88 11.72 13.80 1.58
N ASP B 89 11.39 12.76 2.38
CA ASP B 89 12.21 11.54 2.44
C ASP B 89 11.32 10.31 2.47
N PRO B 90 10.86 9.87 1.31
CA PRO B 90 10.04 8.64 1.25
C PRO B 90 10.72 7.40 1.84
N VAL B 91 12.02 7.21 1.59
CA VAL B 91 12.68 5.98 1.99
C VAL B 91 12.75 5.86 3.51
N ALA B 92 13.18 6.94 4.18
CA ALA B 92 13.33 6.86 5.64
C ALA B 92 11.97 6.74 6.32
N THR B 93 10.99 7.55 5.89
CA THR B 93 9.68 7.51 6.54
C THR B 93 8.96 6.20 6.26
N HIS B 94 9.22 5.55 5.12
CA HIS B 94 8.56 4.27 4.88
C HIS B 94 8.93 3.23 5.95
N GLN B 95 10.14 3.32 6.50
CA GLN B 95 10.52 2.45 7.61
C GLN B 95 9.63 2.65 8.81
N SER B 96 9.43 3.92 9.20
CA SER B 96 8.59 4.23 10.35
C SER B 96 7.10 4.10 10.05
N ASN B 97 6.68 4.41 8.84
CA ASN B 97 5.25 4.49 8.56
C ASN B 97 4.66 3.18 8.06
N PHE B 98 5.50 2.24 7.62
CA PHE B 98 4.95 0.95 7.20
C PHE B 98 5.72 -0.23 7.76
N ILE B 99 7.05 -0.22 7.63
CA ILE B 99 7.84 -1.36 8.08
C ILE B 99 7.59 -1.65 9.55
N ALA B 100 7.49 -0.60 10.37
CA ALA B 100 7.16 -0.78 11.78
C ALA B 100 5.86 -1.58 11.95
N THR B 101 4.85 -1.29 11.12
CA THR B 101 3.60 -2.05 11.20
C THR B 101 3.82 -3.51 10.83
N LEU B 102 4.54 -3.76 9.74
CA LEU B 102 4.82 -5.13 9.31
C LEU B 102 5.61 -5.88 10.37
N ARG B 103 6.67 -5.27 10.91
CA ARG B 103 7.48 -5.94 11.92
C ARG B 103 6.69 -6.20 13.19
N LEU B 104 5.78 -5.27 13.56
CA LEU B 104 4.91 -5.50 14.72
C LEU B 104 3.97 -6.69 14.48
N CYS B 105 3.40 -6.80 13.28
CA CYS B 105 2.56 -7.96 12.99
C CYS B 105 3.33 -9.25 13.14
N GLU B 106 4.58 -9.29 12.65
CA GLU B 106 5.38 -10.52 12.79
C GLU B 106 5.61 -10.85 14.26
N ALA B 107 5.91 -9.84 15.07
CA ALA B 107 6.25 -10.08 16.47
C ALA B 107 5.02 -10.47 17.28
N MET B 108 3.88 -9.84 16.99
CA MET B 108 2.63 -10.20 17.67
C MET B 108 2.20 -11.62 17.33
N THR B 109 2.34 -12.03 16.06
CA THR B 109 1.96 -13.38 15.66
C THR B 109 2.83 -14.43 16.35
N ALA B 110 4.14 -14.21 16.35
CA ALA B 110 5.03 -15.09 17.09
C ALA B 110 4.63 -15.14 18.57
N ALA B 111 4.44 -13.98 19.19
CA ALA B 111 4.16 -13.95 20.62
C ALA B 111 2.76 -14.44 20.96
N GLY B 112 1.88 -14.60 19.97
CA GLY B 112 0.52 -15.00 20.26
C GLY B 112 -0.43 -13.89 20.65
N ILE B 113 -0.05 -12.64 20.43
CA ILE B 113 -0.88 -11.49 20.81
C ILE B 113 -1.79 -11.14 19.66
N ARG B 114 -3.09 -11.00 19.94
CA ARG B 114 -4.07 -10.76 18.87
C ARG B 114 -4.46 -9.30 18.69
N ARG B 115 -4.73 -8.57 19.78
CA ARG B 115 -5.37 -7.26 19.67
C ARG B 115 -4.32 -6.18 19.40
N VAL B 116 -4.47 -5.48 18.28
CA VAL B 116 -3.70 -4.28 17.98
C VAL B 116 -4.66 -3.19 17.51
N VAL B 117 -4.59 -2.02 18.14
CA VAL B 117 -5.33 -0.84 17.71
C VAL B 117 -4.39 0.01 16.87
N PHE B 118 -4.79 0.36 15.65
CA PHE B 118 -3.90 1.03 14.71
C PHE B 118 -4.38 2.43 14.35
N ALA B 119 -3.46 3.40 14.40
CA ALA B 119 -3.75 4.78 14.01
C ALA B 119 -3.57 4.92 12.51
N SER B 120 -4.65 4.71 11.76
CA SER B 120 -4.63 5.08 10.35
C SER B 120 -5.05 6.54 10.22
N SER B 121 -5.35 6.98 8.99
CA SER B 121 -5.52 8.41 8.73
C SER B 121 -6.56 8.66 7.64
N ALA B 122 -7.30 9.77 7.80
CA ALA B 122 -8.17 10.25 6.72
C ALA B 122 -7.39 10.55 5.45
N ALA B 123 -6.06 10.71 5.55
CA ALA B 123 -5.25 10.93 4.36
C ALA B 123 -5.40 9.80 3.33
N VAL B 124 -5.86 8.60 3.72
CA VAL B 124 -5.94 7.52 2.74
C VAL B 124 -6.99 7.82 1.66
N TYR B 125 -7.97 8.69 1.97
CA TYR B 125 -8.98 9.08 1.00
C TYR B 125 -8.47 10.10 -0.01
N GLY B 126 -7.38 10.79 0.30
CA GLY B 126 -6.94 11.85 -0.59
C GLY B 126 -8.05 12.87 -0.77
N ASN B 127 -8.32 13.22 -2.03
CA ASN B 127 -9.34 14.21 -2.37
C ASN B 127 -10.72 13.60 -2.63
N ASN B 128 -10.85 12.27 -2.57
CA ASN B 128 -12.13 11.63 -2.91
C ASN B 128 -13.18 11.92 -1.84
N GLY B 129 -14.38 12.28 -2.30
CA GLY B 129 -15.47 12.59 -1.40
C GLY B 129 -15.40 13.98 -0.81
N GLU B 130 -14.46 14.81 -1.23
CA GLU B 130 -14.29 16.13 -0.65
C GLU B 130 -15.58 16.94 -0.73
N GLY B 131 -15.93 17.58 0.38
CA GLY B 131 -17.16 18.33 0.49
C GLY B 131 -18.35 17.54 0.97
N THR B 132 -18.20 16.23 1.14
CA THR B 132 -19.25 15.34 1.61
C THR B 132 -18.74 14.58 2.84
N PRO B 133 -19.64 14.09 3.70
CA PRO B 133 -19.18 13.20 4.77
C PRO B 133 -18.55 11.96 4.16
N ILE B 134 -17.29 11.71 4.51
CA ILE B 134 -16.53 10.64 3.88
C ILE B 134 -16.84 9.32 4.60
N ALA B 135 -17.49 8.40 3.89
CA ALA B 135 -17.72 7.06 4.44
C ALA B 135 -16.48 6.20 4.23
N GLU B 136 -16.38 5.15 5.05
CA GLU B 136 -15.16 4.34 5.05
C GLU B 136 -14.92 3.65 3.72
N ASP B 137 -15.98 3.37 2.95
CA ASP B 137 -15.83 2.69 1.67
C ASP B 137 -15.60 3.65 0.51
N THR B 138 -15.40 4.93 0.78
CA THR B 138 -14.96 5.87 -0.24
C THR B 138 -13.70 5.33 -0.92
N PRO B 139 -13.58 5.41 -2.25
CA PRO B 139 -12.37 4.92 -2.91
C PRO B 139 -11.14 5.63 -2.37
N LYS B 140 -10.09 4.87 -2.13
CA LYS B 140 -8.87 5.44 -1.57
C LYS B 140 -8.07 6.15 -2.64
N SER B 141 -7.32 7.17 -2.23
CA SER B 141 -6.45 7.90 -3.13
C SER B 141 -5.31 8.52 -2.33
N PRO B 142 -4.41 7.70 -1.78
CA PRO B 142 -3.31 8.25 -0.99
C PRO B 142 -2.35 9.01 -1.89
N LEU B 143 -2.04 10.27 -1.52
CA LEU B 143 -1.30 11.17 -2.40
C LEU B 143 0.16 11.33 -2.01
N THR B 144 0.56 10.88 -0.83
CA THR B 144 1.91 11.00 -0.31
C THR B 144 2.40 9.65 0.17
N PRO B 145 3.72 9.47 0.33
CA PRO B 145 4.19 8.21 0.94
C PRO B 145 3.56 7.91 2.29
N TYR B 146 3.35 8.93 3.12
CA TYR B 146 2.69 8.71 4.42
C TYR B 146 1.32 8.09 4.24
N ALA B 147 0.48 8.67 3.38
CA ALA B 147 -0.87 8.18 3.20
C ALA B 147 -0.86 6.77 2.62
N ALA B 148 0.05 6.50 1.68
CA ALA B 148 0.13 5.17 1.09
C ALA B 148 0.60 4.14 2.10
N ASP B 149 1.48 4.55 3.02
CA ASP B 149 1.98 3.62 4.03
C ASP B 149 0.92 3.31 5.08
N LYS B 150 0.12 4.32 5.45
CA LYS B 150 -1.00 4.06 6.36
C LYS B 150 -1.98 3.07 5.74
N LEU B 151 -2.31 3.27 4.45
CA LEU B 151 -3.22 2.34 3.78
C LEU B 151 -2.59 0.96 3.64
N ALA B 152 -1.33 0.90 3.20
CA ALA B 152 -0.64 -0.39 3.13
C ALA B 152 -0.62 -1.08 4.49
N SER B 153 -0.38 -0.31 5.55
CA SER B 153 -0.47 -0.86 6.90
C SER B 153 -1.83 -1.51 7.15
N GLU B 154 -2.92 -0.86 6.73
CA GLU B 154 -4.24 -1.46 6.87
C GLU B 154 -4.31 -2.79 6.12
N TYR B 155 -3.85 -2.82 4.87
CA TYR B 155 -3.94 -4.03 4.06
C TYR B 155 -3.16 -5.18 4.69
N TYR B 156 -1.98 -4.90 5.24
CA TYR B 156 -1.21 -5.96 5.88
C TYR B 156 -1.86 -6.41 7.18
N LEU B 157 -2.44 -5.48 7.95
CA LEU B 157 -3.12 -5.88 9.18
C LEU B 157 -4.28 -6.81 8.88
N ASP B 158 -5.03 -6.52 7.83
CA ASP B 158 -6.11 -7.40 7.41
C ASP B 158 -5.59 -8.76 6.95
N PHE B 159 -4.43 -8.77 6.29
CA PHE B 159 -3.82 -10.04 5.91
C PHE B 159 -3.49 -10.88 7.16
N TYR B 160 -2.81 -10.27 8.13
CA TYR B 160 -2.51 -11.02 9.35
C TYR B 160 -3.78 -11.39 10.11
N ARG B 161 -4.87 -10.63 9.96
CA ARG B 161 -6.12 -11.03 10.60
C ARG B 161 -6.63 -12.33 9.98
N ARG B 162 -6.69 -12.39 8.66
CA ARG B 162 -7.23 -13.58 8.00
C ARG B 162 -6.23 -14.74 8.05
N GLN B 163 -4.95 -14.48 7.83
CA GLN B 163 -3.98 -15.56 7.78
C GLN B 163 -3.55 -16.04 9.16
N HIS B 164 -3.49 -15.16 10.17
CA HIS B 164 -2.88 -15.52 11.44
C HIS B 164 -3.73 -15.20 12.66
N GLY B 165 -4.96 -14.73 12.49
CA GLY B 165 -5.83 -14.55 13.62
C GLY B 165 -5.57 -13.30 14.44
N LEU B 166 -4.85 -12.33 13.89
CA LEU B 166 -4.75 -11.02 14.52
C LEU B 166 -6.13 -10.39 14.60
N GLU B 167 -6.31 -9.50 15.58
CA GLU B 167 -7.57 -8.76 15.77
C GLU B 167 -7.26 -7.28 15.65
N PRO B 168 -7.12 -6.75 14.43
CA PRO B 168 -6.81 -5.32 14.28
C PRO B 168 -8.04 -4.45 14.46
N VAL B 169 -7.84 -3.30 15.09
CA VAL B 169 -8.86 -2.26 15.23
C VAL B 169 -8.33 -1.06 14.46
N ILE B 170 -8.79 -0.89 13.23
CA ILE B 170 -8.25 0.13 12.34
C ILE B 170 -9.08 1.39 12.49
N LEU B 171 -8.42 2.48 12.92
CA LEU B 171 -9.07 3.76 13.14
C LEU B 171 -8.43 4.79 12.23
N ARG B 172 -9.25 5.47 11.41
CA ARG B 172 -8.75 6.52 10.52
C ARG B 172 -8.99 7.86 11.21
N PHE B 173 -7.94 8.42 11.82
CA PHE B 173 -8.08 9.68 12.54
C PHE B 173 -8.34 10.81 11.55
N PHE B 174 -9.29 11.68 11.89
CA PHE B 174 -9.35 12.95 11.17
C PHE B 174 -8.42 13.93 11.92
N ASN B 175 -8.82 15.16 12.23
CA ASN B 175 -7.85 16.13 12.77
C ASN B 175 -7.93 16.16 14.30
N ILE B 176 -6.94 15.54 14.95
CA ILE B 176 -6.89 15.48 16.41
C ILE B 176 -6.10 16.67 16.94
N PHE B 177 -6.55 17.23 18.07
CA PHE B 177 -5.88 18.36 18.68
C PHE B 177 -6.00 18.28 20.20
N GLY B 178 -5.17 19.07 20.88
CA GLY B 178 -5.22 19.13 22.32
C GLY B 178 -3.85 19.33 22.92
N PRO B 179 -3.77 19.34 24.26
CA PRO B 179 -2.49 19.58 24.91
C PRO B 179 -1.46 18.55 24.49
N ARG B 180 -0.20 18.96 24.47
CA ARG B 180 0.99 18.18 24.11
C ARG B 180 1.13 17.97 22.60
N GLN B 181 0.21 18.48 21.77
CA GLN B 181 0.46 18.45 20.33
C GLN B 181 1.56 19.43 20.02
N ASP B 182 2.63 18.96 19.42
CA ASP B 182 3.85 19.77 19.29
C ASP B 182 3.66 20.84 18.21
N PRO B 183 3.74 22.12 18.57
CA PRO B 183 3.52 23.19 17.56
C PRO B 183 4.79 23.72 16.90
N SER B 184 5.92 23.02 17.05
CA SER B 184 7.22 23.57 16.68
C SER B 184 7.48 23.57 15.17
N SER B 185 6.66 22.88 14.38
CA SER B 185 6.88 22.88 12.94
C SER B 185 5.86 23.74 12.21
N PRO B 186 6.20 24.30 11.04
CA PRO B 186 5.16 24.94 10.21
C PRO B 186 4.08 23.98 9.74
N TYR B 187 4.34 22.66 9.82
CA TYR B 187 3.36 21.64 9.49
C TYR B 187 2.80 20.95 10.72
N SER B 188 3.03 21.51 11.91
CA SER B 188 2.27 21.10 13.09
C SER B 188 0.78 21.35 12.81
N GLY B 189 -0.07 20.69 13.60
CA GLY B 189 -1.50 20.91 13.46
C GLY B 189 -1.84 22.37 13.67
N VAL B 190 -2.79 22.89 12.87
CA VAL B 190 -3.04 24.32 12.84
C VAL B 190 -3.51 24.83 14.21
N ILE B 191 -4.24 23.99 14.96
CA ILE B 191 -4.71 24.43 16.26
C ILE B 191 -3.53 24.58 17.22
N SER B 192 -2.56 23.67 17.16
CA SER B 192 -1.39 23.81 18.02
C SER B 192 -0.62 25.08 17.68
N ILE B 193 -0.47 25.38 16.38
CA ILE B 193 0.22 26.59 15.97
C ILE B 193 -0.55 27.83 16.42
N PHE B 194 -1.84 27.92 16.04
CA PHE B 194 -2.64 29.11 16.35
C PHE B 194 -2.71 29.35 17.85
N SER B 195 -2.87 28.28 18.63
CA SER B 195 -2.96 28.45 20.08
C SER B 195 -1.64 28.94 20.66
N GLU B 196 -0.52 28.43 20.13
CA GLU B 196 0.78 28.88 20.65
C GLU B 196 0.97 30.37 20.39
N ARG B 197 0.63 30.83 19.19
CA ARG B 197 0.79 32.25 18.88
C ARG B 197 -0.14 33.11 19.72
N ALA B 198 -1.40 32.69 19.85
CA ALA B 198 -2.37 33.48 20.63
C ALA B 198 -1.92 33.61 22.08
N LYS B 199 -1.50 32.49 22.69
CA LYS B 199 -0.97 32.54 24.05
C LYS B 199 0.19 33.52 24.17
N ALA B 200 1.10 33.52 23.18
CA ALA B 200 2.23 34.42 23.19
C ALA B 200 1.87 35.83 22.74
N GLY B 201 0.67 36.04 22.22
CA GLY B 201 0.29 37.35 21.74
C GLY B 201 0.90 37.73 20.41
N ARG B 202 1.29 36.75 19.59
CA ARG B 202 1.94 37.01 18.32
C ARG B 202 1.01 36.69 17.17
N PRO B 203 1.25 37.28 15.99
CA PRO B 203 0.33 37.05 14.87
C PRO B 203 0.32 35.59 14.45
N ILE B 204 -0.78 35.18 13.84
CA ILE B 204 -0.86 33.89 13.17
C ILE B 204 -0.86 34.16 11.68
N THR B 205 -0.63 33.11 10.91
CA THR B 205 -0.66 33.15 9.46
C THR B 205 -1.74 32.21 8.94
N LEU B 206 -2.67 32.76 8.16
CA LEU B 206 -3.77 32.01 7.55
C LEU B 206 -3.45 31.75 6.08
N PHE B 207 -3.35 30.48 5.70
CA PHE B 207 -3.12 30.12 4.31
C PHE B 207 -4.47 30.00 3.59
N GLY B 208 -4.67 30.82 2.57
CA GLY B 208 -5.93 30.81 1.85
C GLY B 208 -6.96 31.72 2.49
N ASP B 209 -8.23 31.45 2.17
CA ASP B 209 -9.29 32.36 2.57
C ASP B 209 -9.91 32.02 3.92
N GLY B 210 -9.56 30.88 4.52
CA GLY B 210 -10.13 30.54 5.81
C GLY B 210 -11.43 29.76 5.74
N GLY B 211 -12.00 29.59 4.56
CA GLY B 211 -13.18 28.76 4.39
C GLY B 211 -12.94 27.26 4.38
N GLN B 212 -11.68 26.82 4.43
CA GLN B 212 -11.41 25.39 4.53
C GLN B 212 -12.01 24.85 5.82
N THR B 213 -12.51 23.61 5.76
CA THR B 213 -13.15 22.99 6.92
C THR B 213 -12.41 21.72 7.30
N ARG B 214 -12.39 21.46 8.60
CA ARG B 214 -11.88 20.21 9.15
C ARG B 214 -12.82 19.67 10.21
N ASP B 215 -12.76 18.36 10.38
CA ASP B 215 -13.49 17.62 11.40
C ASP B 215 -12.52 17.44 12.59
N PHE B 216 -12.50 18.43 13.48
CA PHE B 216 -11.56 18.40 14.62
C PHE B 216 -12.07 17.50 15.74
N VAL B 217 -11.15 16.75 16.34
CA VAL B 217 -11.48 15.82 17.43
C VAL B 217 -10.54 16.13 18.59
N TYR B 218 -11.11 16.39 19.77
CA TYR B 218 -10.29 16.60 20.95
C TYR B 218 -9.65 15.30 21.40
N VAL B 219 -8.38 15.38 21.81
CA VAL B 219 -7.60 14.16 22.06
C VAL B 219 -8.25 13.29 23.13
N ALA B 220 -8.86 13.90 24.16
CA ALA B 220 -9.50 13.08 25.20
C ALA B 220 -10.59 12.17 24.64
N ASP B 221 -11.34 12.65 23.63
CA ASP B 221 -12.36 11.80 23.02
C ASP B 221 -11.74 10.68 22.20
N LEU B 222 -10.62 10.97 21.52
CA LEU B 222 -9.91 9.91 20.81
C LEU B 222 -9.41 8.84 21.77
N VAL B 223 -8.94 9.26 22.95
CA VAL B 223 -8.41 8.29 23.91
C VAL B 223 -9.50 7.33 24.36
N LYS B 224 -10.72 7.84 24.60
CA LYS B 224 -11.85 6.98 24.94
C LYS B 224 -12.06 5.90 23.87
N ILE B 225 -11.95 6.27 22.60
CA ILE B 225 -12.14 5.30 21.53
C ILE B 225 -11.02 4.27 21.54
N LEU B 226 -9.78 4.71 21.77
CA LEU B 226 -8.63 3.81 21.75
C LEU B 226 -8.76 2.75 22.86
N VAL B 227 -9.12 3.19 24.06
CA VAL B 227 -9.33 2.25 25.17
C VAL B 227 -10.44 1.25 24.82
N GLN B 228 -11.55 1.74 24.27
CA GLN B 228 -12.66 0.87 23.90
C GLN B 228 -12.24 -0.15 22.84
N GLY B 229 -11.40 0.26 21.89
CA GLY B 229 -10.88 -0.69 20.92
C GLY B 229 -10.01 -1.76 21.54
N LEU B 230 -9.32 -1.43 22.64
CA LEU B 230 -8.56 -2.43 23.38
C LEU B 230 -9.46 -3.43 24.10
N GLU B 231 -10.62 -2.99 24.57
CA GLU B 231 -11.48 -3.79 25.43
C GLU B 231 -12.69 -4.37 24.72
N SER B 232 -12.86 -4.09 23.44
CA SER B 232 -13.98 -4.63 22.69
C SER B 232 -13.92 -6.15 22.66
N PRO B 233 -15.06 -6.84 22.68
CA PRO B 233 -15.04 -8.31 22.69
C PRO B 233 -14.72 -8.90 21.33
N ALA B 234 -15.28 -8.31 20.27
CA ALA B 234 -15.04 -8.78 18.90
C ALA B 234 -15.12 -7.57 17.96
N PRO B 235 -14.03 -6.83 17.84
CA PRO B 235 -14.08 -5.61 17.03
C PRO B 235 -14.25 -5.93 15.54
N ALA B 236 -14.90 -5.00 14.84
CA ALA B 236 -15.10 -5.14 13.41
C ALA B 236 -13.77 -5.26 12.69
N ALA B 237 -13.79 -5.94 11.54
CA ALA B 237 -12.57 -6.14 10.76
C ALA B 237 -12.21 -4.89 9.96
N ASP B 238 -13.20 -4.16 9.46
CA ASP B 238 -12.95 -3.04 8.58
C ASP B 238 -12.73 -1.76 9.38
N ALA B 239 -12.32 -0.71 8.67
CA ALA B 239 -11.87 0.52 9.31
C ALA B 239 -13.05 1.34 9.85
N THR B 240 -12.75 2.19 10.82
CA THR B 240 -13.74 3.12 11.39
C THR B 240 -13.16 4.52 11.36
N ASN B 241 -13.88 5.46 10.75
CA ASN B 241 -13.47 6.86 10.85
C ASN B 241 -13.49 7.31 12.30
N VAL B 242 -12.48 8.08 12.69
CA VAL B 242 -12.61 8.86 13.91
C VAL B 242 -12.67 10.33 13.52
N GLY B 243 -13.85 10.74 13.07
CA GLY B 243 -14.22 12.14 13.02
C GLY B 243 -15.59 12.29 13.64
N LEU B 244 -15.89 13.51 14.07
CA LEU B 244 -17.21 13.74 14.66
C LEU B 244 -18.29 13.99 13.60
N GLY B 245 -17.91 14.15 12.34
CA GLY B 245 -18.86 14.66 11.38
C GLY B 245 -19.13 16.15 11.56
N GLY B 246 -18.29 16.85 12.32
CA GLY B 246 -18.47 18.27 12.51
C GLY B 246 -17.82 19.10 11.41
N VAL B 247 -18.22 20.36 11.34
CA VAL B 247 -17.74 21.32 10.36
C VAL B 247 -17.17 22.52 11.11
N THR B 248 -15.87 22.74 10.98
CA THR B 248 -15.23 23.94 11.52
C THR B 248 -14.39 24.57 10.40
N THR B 249 -14.74 25.80 10.02
CA THR B 249 -13.85 26.53 9.12
C THR B 249 -12.67 27.08 9.92
N LEU B 250 -11.57 27.34 9.22
CA LEU B 250 -10.44 27.99 9.89
C LEU B 250 -10.85 29.34 10.47
N ASN B 251 -11.77 30.04 9.80
CA ASN B 251 -12.25 31.31 10.32
C ASN B 251 -13.08 31.10 11.58
N ASP B 252 -13.93 30.06 11.62
CA ASP B 252 -14.56 29.67 12.88
C ASP B 252 -13.51 29.52 13.98
N LEU B 253 -12.44 28.78 13.67
CA LEU B 253 -11.42 28.49 14.66
C LEU B 253 -10.72 29.76 15.13
N ILE B 254 -10.43 30.67 14.20
CA ILE B 254 -9.74 31.91 14.54
C ILE B 254 -10.57 32.70 15.54
N GLY B 255 -11.87 32.82 15.27
CA GLY B 255 -12.72 33.60 16.16
C GLY B 255 -12.91 32.94 17.51
N ALA B 256 -13.09 31.60 17.52
CA ALA B 256 -13.23 30.90 18.79
C ALA B 256 -11.98 31.03 19.65
N LEU B 257 -10.82 30.84 19.05
CA LEU B 257 -9.56 30.94 19.78
C LEU B 257 -9.33 32.36 20.29
N GLN B 258 -9.54 33.35 19.43
CA GLN B 258 -9.36 34.73 19.87
C GLN B 258 -10.24 35.02 21.07
N GLN B 259 -11.50 34.59 21.01
CA GLN B 259 -12.41 34.83 22.13
C GLN B 259 -11.94 34.13 23.39
N ILE B 260 -11.45 32.89 23.26
CA ILE B 260 -10.99 32.16 24.44
C ILE B 260 -9.77 32.85 25.06
N SER B 261 -8.82 33.28 24.23
CA SER B 261 -7.61 33.91 24.79
C SER B 261 -7.90 35.25 25.45
N GLY B 262 -9.04 35.86 25.15
CA GLY B 262 -9.32 37.18 25.67
C GLY B 262 -8.36 38.25 25.21
N LYS B 263 -7.61 38.00 24.15
CA LYS B 263 -6.61 38.94 23.65
C LYS B 263 -6.82 39.15 22.17
N PRO B 264 -6.40 40.28 21.64
CA PRO B 264 -6.51 40.51 20.20
C PRO B 264 -5.61 39.54 19.45
N LEU B 265 -5.98 39.26 18.19
CA LEU B 265 -5.25 38.27 17.40
C LEU B 265 -5.04 38.84 16.01
N GLN B 266 -3.78 39.05 15.64
CA GLN B 266 -3.45 39.52 14.31
C GLN B 266 -3.36 38.33 13.35
N VAL B 267 -4.00 38.44 12.20
CA VAL B 267 -4.06 37.36 11.22
C VAL B 267 -3.34 37.87 9.97
N SER B 268 -2.11 37.41 9.77
CA SER B 268 -1.41 37.67 8.53
C SER B 268 -1.77 36.60 7.51
N HIS B 269 -1.51 36.89 6.24
CA HIS B 269 -1.92 35.99 5.16
C HIS B 269 -0.74 35.26 4.54
N GLY B 270 -0.98 34.00 4.17
CA GLY B 270 -0.13 33.30 3.25
C GLY B 270 -0.97 32.65 2.17
N ALA B 271 -0.32 32.27 1.08
CA ALA B 271 -1.01 31.59 0.00
C ALA B 271 -1.50 30.23 0.46
N THR B 272 -2.59 29.76 -0.16
CA THR B 272 -3.02 28.38 0.07
C THR B 272 -1.86 27.45 -0.23
N ARG B 273 -1.61 26.49 0.66
CA ARG B 273 -0.51 25.58 0.41
C ARG B 273 -0.92 24.54 -0.62
N SER B 274 0.07 24.08 -1.40
CA SER B 274 -0.20 23.33 -2.63
C SER B 274 -1.00 22.06 -2.38
N GLY B 275 -0.75 21.38 -1.25
CA GLY B 275 -1.40 20.11 -1.04
C GLY B 275 -2.66 20.18 -0.20
N ASP B 276 -3.21 21.38 -0.05
CA ASP B 276 -4.26 21.63 0.93
C ASP B 276 -5.62 21.17 0.40
N ILE B 277 -6.26 20.24 1.11
CA ILE B 277 -7.63 19.86 0.79
C ILE B 277 -8.57 20.88 1.43
N ARG B 278 -9.57 21.34 0.66
CA ARG B 278 -10.40 22.44 1.16
C ARG B 278 -11.41 21.95 2.20
N HIS B 279 -12.17 20.89 1.90
CA HIS B 279 -13.20 20.41 2.81
C HIS B 279 -12.92 18.98 3.23
N SER B 280 -12.98 18.71 4.53
CA SER B 280 -12.73 17.39 5.07
C SER B 280 -13.69 17.15 6.22
N LYS B 281 -14.54 16.13 6.08
CA LYS B 281 -15.52 15.79 7.12
C LYS B 281 -15.77 14.29 7.08
N ALA B 282 -15.82 13.67 8.26
CA ALA B 282 -16.07 12.24 8.36
C ALA B 282 -17.57 11.94 8.36
N ASP B 283 -17.92 10.82 7.73
CA ASP B 283 -19.20 10.16 7.97
C ASP B 283 -19.04 9.38 9.26
N ASN B 284 -19.75 9.80 10.31
CA ASN B 284 -19.55 9.26 11.66
C ASN B 284 -20.41 8.02 11.97
N ARG B 285 -21.10 7.46 10.97
CA ARG B 285 -22.11 6.45 11.29
C ARG B 285 -21.48 5.18 11.87
N ARG B 286 -20.42 4.65 11.24
CA ARG B 286 -19.78 3.47 11.80
C ARG B 286 -19.22 3.76 13.20
N LEU B 287 -18.57 4.91 13.37
CA LEU B 287 -18.08 5.30 14.69
C LEU B 287 -19.17 5.23 15.74
N ARG B 288 -20.32 5.85 15.46
CA ARG B 288 -21.40 5.88 16.44
C ARG B 288 -21.99 4.50 16.67
N GLU B 289 -21.95 3.63 15.66
CA GLU B 289 -22.46 2.27 15.83
C GLU B 289 -21.53 1.42 16.68
N ARG B 290 -20.23 1.56 16.47
CA ARG B 290 -19.25 0.65 17.05
C ARG B 290 -18.68 1.13 18.38
N PHE B 291 -18.76 2.42 18.69
CA PHE B 291 -18.14 2.96 19.89
C PHE B 291 -19.14 3.82 20.65
N ASP B 292 -18.89 3.97 21.95
CA ASP B 292 -19.67 4.83 22.82
C ASP B 292 -18.91 6.12 22.99
N LEU B 293 -19.31 7.15 22.24
CA LEU B 293 -18.64 8.45 22.33
C LEU B 293 -19.17 9.29 23.47
N GLY B 294 -20.33 8.95 24.03
CA GLY B 294 -20.93 9.80 25.05
C GLY B 294 -21.21 11.16 24.49
N THR B 295 -20.86 12.20 25.24
CA THR B 295 -20.93 13.56 24.73
C THR B 295 -19.51 14.05 24.46
N PRO B 296 -19.10 14.21 23.20
CA PRO B 296 -17.73 14.65 22.92
C PRO B 296 -17.54 16.10 23.35
N SER B 297 -16.28 16.50 23.37
CA SER B 297 -15.97 17.91 23.55
C SER B 297 -16.31 18.68 22.27
N SER B 298 -17.00 19.80 22.42
CA SER B 298 -17.13 20.73 21.31
C SER B 298 -15.79 21.41 21.05
N LEU B 299 -15.68 22.05 19.87
CA LEU B 299 -14.45 22.78 19.56
C LEU B 299 -14.10 23.76 20.67
N ALA B 300 -15.09 24.53 21.13
CA ALA B 300 -14.85 25.53 22.18
C ALA B 300 -14.34 24.88 23.45
N GLU B 301 -14.99 23.81 23.89
CA GLU B 301 -14.55 23.11 25.10
C GLU B 301 -13.14 22.59 24.94
N GLY B 302 -12.81 22.02 23.77
CA GLY B 302 -11.47 21.50 23.56
C GLY B 302 -10.41 22.60 23.47
N LEU B 303 -10.73 23.69 22.76
CA LEU B 303 -9.79 24.81 22.69
C LEU B 303 -9.53 25.38 24.08
N GLU B 304 -10.59 25.50 24.88
CA GLU B 304 -10.48 26.04 26.24
C GLU B 304 -9.52 25.20 27.07
N ARG B 305 -9.68 23.88 27.04
CA ARG B 305 -8.77 23.01 27.78
C ARG B 305 -7.34 23.16 27.27
N LEU B 306 -7.16 23.19 25.95
CA LEU B 306 -5.83 23.40 25.38
C LEU B 306 -5.25 24.74 25.83
N TYR B 307 -6.02 25.81 25.67
CA TYR B 307 -5.48 27.12 26.03
C TYR B 307 -5.13 27.18 27.50
N ARG B 308 -6.00 26.64 28.37
CA ARG B 308 -5.77 26.73 29.80
C ARG B 308 -4.55 25.92 30.25
N SER B 309 -4.04 25.02 29.41
CA SER B 309 -2.76 24.36 29.64
C SER B 309 -1.61 25.05 28.93
N LEU B 310 -1.91 26.10 28.17
CA LEU B 310 -1.04 26.79 27.18
C LEU B 310 -1.17 26.14 25.81
#